data_2P5S
#
_entry.id   2P5S
#
_cell.length_a   71.275
_cell.length_b   42.524
_cell.length_c   75.656
_cell.angle_alpha   90.00
_cell.angle_beta   98.91
_cell.angle_gamma   90.00
#
_symmetry.space_group_name_H-M   'P 1 21 1'
#
loop_
_entity.id
_entity.type
_entity.pdbx_description
1 polymer 'RAS and EF-hand domain containing'
2 non-polymer "GUANOSINE-5'-DIPHOSPHATE"
3 non-polymer 'UNKNOWN ATOM OR ION'
4 water water
#
_entity_poly.entity_id   1
_entity_poly.type   'polypeptide(L)'
_entity_poly.pdbx_seq_one_letter_code
;MGSSHHHHHHSSGLVPRGSAKSFSSQKAYKIVLAGDAAVGKSSFLMRLCKNEFRENISATLGVDFQMKTLIVDGERTVLQ
LWDTAGQERFRSIAKSYFRKADGVLLLYDVTCEKSFLNIREWVDMIEDAAHETVPIMLVGNKADIRDTAATEGQKCVPGH
FGEKLAMTYGALFCETSAKDGSNIVEAVLHLAREVKKRT
;
_entity_poly.pdbx_strand_id   A,B
#
# COMPACT_ATOMS: atom_id res chain seq x y z
N ALA A 28 -22.11 -12.18 -17.85
CA ALA A 28 -21.07 -11.13 -18.08
C ALA A 28 -20.41 -10.70 -16.77
N TYR A 29 -19.11 -10.38 -16.87
CA TYR A 29 -18.36 -9.88 -15.76
C TYR A 29 -18.34 -8.36 -15.82
N LYS A 30 -18.67 -7.74 -14.70
CA LYS A 30 -18.72 -6.29 -14.62
C LYS A 30 -17.33 -5.78 -14.25
N ILE A 31 -16.72 -5.05 -15.17
CA ILE A 31 -15.39 -4.47 -14.94
C ILE A 31 -15.45 -2.94 -14.96
N VAL A 32 -14.88 -2.32 -13.91
CA VAL A 32 -14.90 -0.87 -13.73
C VAL A 32 -13.54 -0.25 -14.05
N LEU A 33 -13.53 0.80 -14.86
CA LEU A 33 -12.32 1.61 -15.11
C LEU A 33 -12.41 2.83 -14.22
N ALA A 34 -11.40 3.03 -13.38
CA ALA A 34 -11.33 4.12 -12.47
C ALA A 34 -9.94 4.74 -12.53
N GLY A 35 -9.80 5.87 -11.85
CA GLY A 35 -8.55 6.62 -11.77
C GLY A 35 -8.86 8.08 -12.01
N ASP A 36 -7.89 8.96 -11.79
CA ASP A 36 -8.11 10.40 -11.95
C ASP A 36 -8.54 10.74 -13.37
N ALA A 37 -9.15 11.91 -13.52
CA ALA A 37 -9.42 12.46 -14.85
C ALA A 37 -8.11 12.62 -15.61
N ALA A 38 -8.14 12.32 -16.89
CA ALA A 38 -7.01 12.55 -17.83
C ALA A 38 -5.91 11.46 -17.81
N VAL A 39 -6.18 10.32 -17.16
CA VAL A 39 -5.19 9.21 -17.06
C VAL A 39 -5.28 8.32 -18.27
N GLY A 40 -6.41 8.38 -18.98
CA GLY A 40 -6.62 7.66 -20.22
C GLY A 40 -7.66 6.57 -20.15
N LYS A 41 -8.66 6.72 -19.27
CA LYS A 41 -9.70 5.69 -19.13
C LYS A 41 -10.53 5.56 -20.39
N SER A 42 -10.98 6.67 -20.95
CA SER A 42 -11.80 6.65 -22.16
C SER A 42 -10.99 6.11 -23.34
N SER A 43 -9.74 6.52 -23.41
CA SER A 43 -8.82 6.03 -24.46
C SER A 43 -8.52 4.54 -24.37
N PHE A 44 -8.37 4.02 -23.14
CA PHE A 44 -8.18 2.60 -22.89
C PHE A 44 -9.37 1.81 -23.41
N LEU A 45 -10.57 2.25 -23.09
CA LEU A 45 -11.80 1.59 -23.55
C LEU A 45 -11.98 1.58 -25.06
N MET A 46 -11.66 2.68 -25.71
CA MET A 46 -11.78 2.77 -27.16
C MET A 46 -10.76 1.90 -27.90
N ARG A 47 -9.53 1.88 -27.40
CA ARG A 47 -8.48 0.99 -27.88
C ARG A 47 -8.82 -0.48 -27.69
N LEU A 48 -9.41 -0.82 -26.55
CA LEU A 48 -9.79 -2.19 -26.26
C LEU A 48 -10.99 -2.63 -27.12
N CYS A 49 -11.99 -1.77 -27.20
CA CYS A 49 -13.28 -2.14 -27.79
C CYS A 49 -13.31 -1.90 -29.29
N LYS A 50 -12.76 -0.77 -29.74
CA LYS A 50 -12.83 -0.38 -31.16
C LYS A 50 -11.46 -0.32 -31.87
N ASN A 51 -10.40 -0.70 -31.15
CA ASN A 51 -9.01 -0.61 -31.64
C ASN A 51 -8.56 0.74 -32.28
N GLU A 52 -8.89 1.86 -31.63
CA GLU A 52 -8.50 3.18 -32.15
C GLU A 52 -8.12 4.17 -31.03
N PHE A 53 -7.35 5.19 -31.43
CA PHE A 53 -6.90 6.26 -30.52
C PHE A 53 -7.03 7.60 -31.25
N ARG A 54 -7.49 8.62 -30.53
CA ARG A 54 -7.84 9.92 -31.12
C ARG A 54 -7.33 11.07 -30.27
N PHE A 65 -22.31 1.53 -20.26
CA PHE A 65 -21.28 0.49 -20.44
C PHE A 65 -20.94 0.17 -21.92
N GLN A 66 -19.73 -0.40 -22.13
CA GLN A 66 -19.34 -1.01 -23.44
C GLN A 66 -19.12 -2.53 -23.26
N MET A 67 -19.36 -3.30 -24.32
CA MET A 67 -19.20 -4.76 -24.27
C MET A 67 -17.89 -5.21 -24.92
N LYS A 68 -17.26 -6.22 -24.33
CA LYS A 68 -16.01 -6.80 -24.88
C LYS A 68 -16.01 -8.31 -24.71
N THR A 69 -15.81 -9.04 -25.80
CA THR A 69 -15.62 -10.48 -25.75
C THR A 69 -14.12 -10.83 -25.75
N LEU A 70 -13.66 -11.53 -24.72
CA LEU A 70 -12.32 -12.06 -24.63
C LEU A 70 -12.38 -13.58 -24.80
N ILE A 71 -11.33 -14.14 -25.38
CA ILE A 71 -11.07 -15.57 -25.25
C ILE A 71 -10.07 -15.71 -24.10
N VAL A 72 -10.54 -16.19 -22.95
CA VAL A 72 -9.68 -16.39 -21.79
C VAL A 72 -9.53 -17.88 -21.58
N ASP A 73 -8.29 -18.36 -21.74
CA ASP A 73 -7.97 -19.78 -21.77
C ASP A 73 -8.88 -20.48 -22.80
N GLY A 74 -9.57 -21.54 -22.43
CA GLY A 74 -10.48 -22.16 -23.39
C GLY A 74 -11.58 -21.20 -23.87
N GLU A 75 -12.19 -20.49 -22.91
CA GLU A 75 -13.58 -20.02 -23.06
C GLU A 75 -13.78 -18.58 -23.57
N ARG A 76 -14.88 -18.41 -24.30
CA ARG A 76 -15.43 -17.09 -24.62
C ARG A 76 -15.89 -16.43 -23.30
N THR A 77 -15.39 -15.23 -23.05
CA THR A 77 -15.63 -14.51 -21.81
C THR A 77 -16.07 -13.09 -22.16
N VAL A 78 -17.29 -12.73 -21.72
CA VAL A 78 -17.86 -11.43 -22.01
C VAL A 78 -17.71 -10.52 -20.80
N LEU A 79 -17.21 -9.32 -21.08
CA LEU A 79 -17.04 -8.26 -20.09
C LEU A 79 -18.04 -7.16 -20.36
N GLN A 80 -18.58 -6.59 -19.29
CA GLN A 80 -19.39 -5.35 -19.37
C GLN A 80 -18.59 -4.25 -18.68
N LEU A 81 -18.15 -3.28 -19.45
CA LEU A 81 -17.13 -2.32 -19.00
C LEU A 81 -17.70 -0.95 -18.62
N TRP A 82 -17.66 -0.61 -17.33
CA TRP A 82 -18.10 0.69 -16.80
C TRP A 82 -16.90 1.56 -16.57
N ASP A 83 -17.05 2.85 -16.78
CA ASP A 83 -15.98 3.77 -16.46
C ASP A 83 -16.51 4.99 -15.74
N THR A 84 -15.64 5.62 -14.98
CA THR A 84 -15.99 6.75 -14.15
C THR A 84 -15.61 8.06 -14.83
N ALA A 85 -15.34 8.04 -16.15
CA ALA A 85 -14.91 9.22 -16.87
C ALA A 85 -16.07 10.19 -16.93
N GLY A 86 -15.76 11.48 -16.70
CA GLY A 86 -16.77 12.50 -16.54
C GLY A 86 -17.35 12.64 -15.12
N GLN A 87 -17.22 11.61 -14.29
CA GLN A 87 -17.83 11.56 -12.94
C GLN A 87 -16.85 11.24 -11.79
N GLU A 88 -15.57 11.50 -12.02
CA GLU A 88 -14.51 11.06 -11.08
C GLU A 88 -14.65 11.73 -9.74
N ARG A 89 -15.18 12.96 -9.75
CA ARG A 89 -15.36 13.71 -8.51
C ARG A 89 -16.56 13.23 -7.65
N PHE A 90 -17.44 12.42 -8.20
CA PHE A 90 -18.53 11.85 -7.42
C PHE A 90 -18.15 10.55 -6.77
N ARG A 91 -17.74 10.64 -5.51
CA ARG A 91 -17.30 9.49 -4.72
C ARG A 91 -18.40 8.45 -4.62
N SER A 92 -19.64 8.91 -4.52
CA SER A 92 -20.79 8.03 -4.38
C SER A 92 -21.09 7.20 -5.63
N ILE A 93 -20.71 7.71 -6.79
CA ILE A 93 -20.89 7.02 -8.06
C ILE A 93 -19.80 5.95 -8.18
N ALA A 94 -18.54 6.36 -8.02
CA ALA A 94 -17.40 5.42 -7.93
C ALA A 94 -17.68 4.28 -6.98
N LYS A 95 -18.05 4.61 -5.76
CA LYS A 95 -18.38 3.61 -4.74
C LYS A 95 -19.46 2.63 -5.17
N SER A 96 -20.50 3.12 -5.84
CA SER A 96 -21.60 2.27 -6.34
C SER A 96 -21.11 1.29 -7.43
N TYR A 97 -20.35 1.82 -8.37
CA TYR A 97 -19.66 0.99 -9.37
C TYR A 97 -18.77 -0.08 -8.74
N PHE A 98 -18.01 0.30 -7.71
CA PHE A 98 -17.15 -0.66 -7.00
C PHE A 98 -17.96 -1.74 -6.31
N ARG A 99 -19.15 -1.40 -5.81
CA ARG A 99 -20.04 -2.41 -5.21
C ARG A 99 -20.55 -3.44 -6.21
N LYS A 100 -20.88 -3.00 -7.42
CA LYS A 100 -21.37 -3.95 -8.44
C LYS A 100 -20.22 -4.64 -9.26
N ALA A 101 -18.98 -4.19 -9.09
CA ALA A 101 -17.85 -4.67 -9.87
C ALA A 101 -17.43 -6.10 -9.55
N ASP A 102 -17.19 -6.89 -10.57
CA ASP A 102 -16.47 -8.17 -10.45
C ASP A 102 -14.95 -7.97 -10.43
N GLY A 103 -14.49 -6.89 -11.07
CA GLY A 103 -13.08 -6.55 -11.15
C GLY A 103 -12.90 -5.08 -11.42
N VAL A 104 -11.74 -4.54 -11.02
CA VAL A 104 -11.38 -3.13 -11.28
C VAL A 104 -10.04 -2.95 -12.02
N LEU A 105 -10.09 -2.16 -13.09
CA LEU A 105 -8.89 -1.60 -13.73
C LEU A 105 -8.69 -0.18 -13.23
N LEU A 106 -7.63 0.02 -12.45
CA LEU A 106 -7.37 1.29 -11.85
C LEU A 106 -6.10 1.91 -12.51
N LEU A 107 -6.31 2.98 -13.27
CA LEU A 107 -5.26 3.68 -13.99
C LEU A 107 -4.71 4.87 -13.24
N TYR A 108 -3.41 5.04 -13.37
CA TYR A 108 -2.77 6.30 -13.22
C TYR A 108 -2.04 6.60 -14.56
N ASP A 109 -1.41 7.77 -14.63
CA ASP A 109 -0.68 8.21 -15.81
C ASP A 109 0.77 8.29 -15.35
N VAL A 110 1.66 7.51 -15.97
CA VAL A 110 3.08 7.43 -15.54
C VAL A 110 3.80 8.81 -15.61
N THR A 111 3.24 9.75 -16.36
CA THR A 111 3.83 11.10 -16.52
C THR A 111 3.22 12.10 -15.55
N CYS A 112 2.16 11.70 -14.83
CA CYS A 112 1.45 12.53 -13.84
C CYS A 112 1.58 11.92 -12.44
N GLU A 113 2.47 12.52 -11.66
CA GLU A 113 2.84 12.07 -10.33
C GLU A 113 1.66 12.11 -9.33
N LYS A 114 0.86 13.17 -9.40
CA LYS A 114 -0.36 13.33 -8.61
C LYS A 114 -1.37 12.19 -8.85
N SER A 115 -1.52 11.75 -10.11
CA SER A 115 -2.42 10.64 -10.44
C SER A 115 -1.98 9.32 -9.76
N PHE A 116 -0.68 9.14 -9.53
CA PHE A 116 -0.12 8.00 -8.82
C PHE A 116 -0.22 8.14 -7.30
N LEU A 117 0.02 9.33 -6.78
CA LEU A 117 -0.31 9.68 -5.38
C LEU A 117 -1.77 9.43 -5.03
N ASN A 118 -2.67 9.77 -5.94
CA ASN A 118 -4.12 9.55 -5.73
C ASN A 118 -4.59 8.11 -5.82
N ILE A 119 -3.71 7.18 -6.20
CA ILE A 119 -4.10 5.77 -6.26
C ILE A 119 -4.62 5.33 -4.87
N ARG A 120 -3.98 5.76 -3.79
CA ARG A 120 -4.46 5.51 -2.40
C ARG A 120 -5.95 5.87 -2.18
N GLU A 121 -6.39 6.98 -2.78
CA GLU A 121 -7.77 7.47 -2.63
C GLU A 121 -8.72 6.48 -3.25
N TRP A 122 -8.37 5.98 -4.44
CA TRP A 122 -9.20 5.01 -5.16
C TRP A 122 -9.19 3.67 -4.52
N VAL A 123 -8.03 3.17 -4.10
CA VAL A 123 -7.96 1.82 -3.52
C VAL A 123 -8.75 1.71 -2.19
N ASP A 124 -8.68 2.76 -1.37
CA ASP A 124 -9.47 2.82 -0.13
C ASP A 124 -10.96 2.73 -0.42
N MET A 125 -11.43 3.53 -1.39
CA MET A 125 -12.83 3.39 -1.86
C MET A 125 -13.14 1.94 -2.32
N ILE A 126 -12.24 1.30 -3.08
CA ILE A 126 -12.52 -0.08 -3.58
C ILE A 126 -12.53 -1.09 -2.44
N GLU A 127 -11.59 -0.95 -1.49
CA GLU A 127 -11.47 -1.89 -0.38
C GLU A 127 -12.70 -1.82 0.55
N ASP A 128 -13.26 -0.61 0.69
CA ASP A 128 -14.45 -0.35 1.49
C ASP A 128 -15.76 -0.82 0.83
N ALA A 129 -15.90 -0.56 -0.45
CA ALA A 129 -17.13 -0.84 -1.17
C ALA A 129 -17.18 -2.30 -1.62
N ALA A 130 -16.02 -2.86 -1.98
CA ALA A 130 -15.95 -4.24 -2.49
C ALA A 130 -15.97 -5.29 -1.36
N VAL A 134 -12.44 -8.10 -4.35
CA VAL A 134 -12.56 -7.96 -5.82
C VAL A 134 -11.12 -7.72 -6.39
N PRO A 135 -10.73 -8.45 -7.44
CA PRO A 135 -9.43 -8.20 -8.09
C PRO A 135 -9.23 -6.76 -8.61
N ILE A 136 -8.11 -6.17 -8.26
CA ILE A 136 -7.67 -4.87 -8.80
C ILE A 136 -6.45 -5.09 -9.68
N MET A 137 -6.47 -4.48 -10.85
CA MET A 137 -5.36 -4.41 -11.75
C MET A 137 -4.98 -2.96 -11.80
N LEU A 138 -3.82 -2.64 -11.23
CA LEU A 138 -3.22 -1.31 -11.30
C LEU A 138 -2.47 -1.10 -12.62
N VAL A 139 -2.85 -0.05 -13.35
CA VAL A 139 -2.33 0.25 -14.70
C VAL A 139 -1.62 1.60 -14.75
N GLY A 140 -0.32 1.56 -15.03
CA GLY A 140 0.43 2.76 -15.33
C GLY A 140 0.25 3.00 -16.83
N ASN A 141 -0.67 3.90 -17.17
CA ASN A 141 -0.96 4.19 -18.55
C ASN A 141 -0.07 5.30 -19.12
N LYS A 142 -0.04 5.38 -20.45
CA LYS A 142 0.74 6.37 -21.19
C LYS A 142 2.23 6.04 -21.12
N ALA A 143 2.57 4.75 -21.04
CA ALA A 143 3.98 4.31 -20.93
C ALA A 143 4.85 4.72 -22.17
N ASP A 144 4.16 5.05 -23.27
CA ASP A 144 4.76 5.48 -24.54
C ASP A 144 5.43 6.86 -24.48
N ILE A 145 5.10 7.66 -23.47
CA ILE A 145 5.67 9.02 -23.30
C ILE A 145 6.90 9.02 -22.46
N ARG A 146 7.17 7.92 -21.77
CA ARG A 146 8.29 7.86 -20.85
C ARG A 146 9.60 8.28 -21.51
N ASP A 147 9.85 7.77 -22.71
CA ASP A 147 11.08 8.14 -23.45
C ASP A 147 11.12 9.62 -23.75
N THR A 148 9.99 10.17 -24.17
CA THR A 148 9.87 11.61 -24.44
C THR A 148 10.09 12.43 -23.18
N ALA A 149 9.35 12.09 -22.13
CA ALA A 149 9.54 12.66 -20.79
C ALA A 149 10.99 12.60 -20.33
N ALA A 150 11.59 11.42 -20.40
CA ALA A 150 12.96 11.24 -19.96
C ALA A 150 13.94 12.11 -20.78
N THR A 151 13.84 12.03 -22.11
CA THR A 151 14.67 12.83 -23.04
C THR A 151 14.67 14.33 -22.67
N GLU A 152 13.48 14.87 -22.39
CA GLU A 152 13.29 16.28 -22.02
C GLU A 152 13.42 16.53 -20.50
N GLY A 153 14.12 15.62 -19.81
CA GLY A 153 14.34 15.72 -18.35
C GLY A 153 13.13 15.85 -17.42
N GLN A 154 11.96 15.36 -17.85
CA GLN A 154 10.74 15.41 -17.02
C GLN A 154 10.53 14.08 -16.28
N LYS A 155 9.85 14.13 -15.14
CA LYS A 155 9.74 12.96 -14.22
C LYS A 155 8.58 12.04 -14.58
N CYS A 156 8.89 10.74 -14.62
CA CYS A 156 7.88 9.69 -14.78
C CYS A 156 7.92 8.76 -13.58
N VAL A 157 6.79 8.12 -13.31
CA VAL A 157 6.68 7.13 -12.24
C VAL A 157 7.34 5.86 -12.74
N PRO A 158 8.45 5.44 -12.12
CA PRO A 158 9.07 4.20 -12.55
C PRO A 158 8.16 2.99 -12.31
N GLY A 159 8.14 2.06 -13.26
CA GLY A 159 7.33 0.86 -13.20
C GLY A 159 7.44 0.08 -11.88
N HIS A 160 8.64 0.06 -11.30
CA HIS A 160 8.85 -0.74 -10.09
C HIS A 160 8.13 -0.16 -8.88
N PHE A 161 7.91 1.16 -8.85
CA PHE A 161 7.06 1.80 -7.86
C PHE A 161 5.64 1.25 -7.92
N GLY A 162 5.08 1.17 -9.14
CA GLY A 162 3.76 0.61 -9.37
C GLY A 162 3.70 -0.85 -8.98
N GLU A 163 4.75 -1.62 -9.33
CA GLU A 163 4.84 -3.07 -8.97
C GLU A 163 4.79 -3.25 -7.47
N LYS A 164 5.55 -2.45 -6.76
CA LYS A 164 5.66 -2.50 -5.32
C LYS A 164 4.37 -2.05 -4.64
N LEU A 165 3.77 -0.96 -5.11
CA LEU A 165 2.50 -0.49 -4.53
C LEU A 165 1.43 -1.53 -4.71
N ALA A 166 1.29 -2.01 -5.94
CA ALA A 166 0.40 -3.09 -6.30
C ALA A 166 0.59 -4.33 -5.41
N MET A 167 1.85 -4.70 -5.13
CA MET A 167 2.17 -5.82 -4.23
C MET A 167 1.58 -5.61 -2.83
N THR A 168 1.81 -4.45 -2.25
CA THR A 168 1.25 -4.17 -0.92
C THR A 168 -0.28 -4.33 -0.85
N TYR A 169 -0.96 -3.93 -1.92
CA TYR A 169 -2.42 -3.99 -2.05
C TYR A 169 -2.96 -5.36 -2.43
N GLY A 170 -2.09 -6.29 -2.80
CA GLY A 170 -2.55 -7.56 -3.41
C GLY A 170 -3.18 -7.36 -4.78
N ALA A 171 -2.75 -6.31 -5.46
CA ALA A 171 -3.22 -5.97 -6.80
C ALA A 171 -2.27 -6.50 -7.88
N LEU A 172 -2.80 -6.82 -9.05
CA LEU A 172 -1.96 -7.00 -10.25
C LEU A 172 -1.46 -5.67 -10.71
N PHE A 173 -0.44 -5.69 -11.56
CA PHE A 173 0.14 -4.50 -12.12
C PHE A 173 0.53 -4.68 -13.58
N CYS A 174 0.38 -3.60 -14.34
CA CYS A 174 0.66 -3.58 -15.76
C CYS A 174 0.92 -2.14 -16.21
N GLU A 175 1.90 -1.95 -17.08
CA GLU A 175 2.03 -0.71 -17.80
C GLU A 175 1.47 -0.86 -19.22
N THR A 176 0.74 0.17 -19.66
CA THR A 176 0.02 0.15 -20.94
C THR A 176 0.22 1.46 -21.69
N SER A 177 -0.15 1.44 -22.96
CA SER A 177 -0.27 2.62 -23.77
C SER A 177 -1.54 2.45 -24.56
N ALA A 178 -2.55 3.23 -24.22
CA ALA A 178 -3.78 3.30 -25.02
C ALA A 178 -3.50 3.87 -26.42
N LYS A 179 -2.47 4.73 -26.52
CA LYS A 179 -2.08 5.31 -27.78
C LYS A 179 -1.56 4.28 -28.79
N ASP A 180 -0.56 3.49 -28.43
CA ASP A 180 -0.04 2.47 -29.37
C ASP A 180 -0.57 1.05 -29.11
N GLY A 181 -1.49 0.93 -28.16
CA GLY A 181 -2.16 -0.35 -27.91
C GLY A 181 -1.41 -1.35 -27.07
N SER A 182 -0.20 -1.01 -26.65
CA SER A 182 0.65 -2.00 -25.95
C SER A 182 0.12 -2.34 -24.55
N ASN A 183 -0.01 -3.64 -24.30
CA ASN A 183 -0.51 -4.23 -23.05
C ASN A 183 -1.99 -4.07 -22.73
N ILE A 184 -2.74 -3.48 -23.64
CA ILE A 184 -4.13 -3.10 -23.36
C ILE A 184 -4.97 -4.36 -23.21
N VAL A 185 -4.93 -5.23 -24.21
CA VAL A 185 -5.69 -6.48 -24.20
C VAL A 185 -5.15 -7.41 -23.10
N GLU A 186 -3.83 -7.43 -22.96
CA GLU A 186 -3.14 -8.23 -21.95
C GLU A 186 -3.50 -7.82 -20.51
N ALA A 187 -3.57 -6.51 -20.22
CA ALA A 187 -4.01 -6.06 -18.87
C ALA A 187 -5.39 -6.59 -18.51
N VAL A 188 -6.32 -6.48 -19.46
CA VAL A 188 -7.67 -6.95 -19.24
C VAL A 188 -7.77 -8.49 -19.15
N LEU A 189 -6.97 -9.21 -19.94
CA LEU A 189 -6.93 -10.69 -19.84
C LEU A 189 -6.35 -11.11 -18.50
N HIS A 190 -5.26 -10.49 -18.05
CA HIS A 190 -4.74 -10.78 -16.72
C HIS A 190 -5.81 -10.53 -15.62
N LEU A 191 -6.56 -9.44 -15.72
CA LEU A 191 -7.65 -9.20 -14.75
C LEU A 191 -8.77 -10.24 -14.85
N ALA A 192 -9.24 -10.50 -16.06
CA ALA A 192 -10.29 -11.50 -16.30
C ALA A 192 -9.96 -12.88 -15.71
N ARG A 193 -8.72 -13.35 -15.87
CA ARG A 193 -8.30 -14.65 -15.31
C ARG A 193 -8.41 -14.67 -13.77
N GLU A 194 -8.04 -13.57 -13.13
CA GLU A 194 -8.19 -13.45 -11.68
C GLU A 194 -9.68 -13.36 -11.25
N VAL A 195 -10.51 -12.70 -12.07
CA VAL A 195 -11.95 -12.58 -11.79
C VAL A 195 -12.63 -13.97 -11.89
N LYS A 196 -12.27 -14.75 -12.91
CA LYS A 196 -12.86 -16.08 -13.13
C LYS A 196 -12.60 -17.08 -11.97
N LYS A 197 -11.64 -16.78 -11.10
CA LYS A 197 -11.57 -17.39 -9.75
C LYS A 197 -12.39 -16.54 -8.77
N ALA B 28 9.32 -15.17 2.05
CA ALA B 28 9.53 -13.86 2.77
C ALA B 28 8.38 -13.63 3.75
N TYR B 29 8.71 -13.32 5.01
CA TYR B 29 7.68 -12.85 5.94
C TYR B 29 7.31 -11.40 5.67
N LYS B 30 6.01 -11.12 5.69
CA LYS B 30 5.46 -9.80 5.41
C LYS B 30 5.24 -9.05 6.71
N ILE B 31 5.94 -7.92 6.83
CA ILE B 31 5.94 -7.12 8.03
C ILE B 31 5.59 -5.68 7.70
N VAL B 32 4.46 -5.21 8.23
CA VAL B 32 4.04 -3.84 8.02
C VAL B 32 4.33 -2.97 9.30
N LEU B 33 4.84 -1.77 9.06
CA LEU B 33 4.94 -0.75 10.10
C LEU B 33 3.75 0.19 9.99
N ALA B 34 3.10 0.43 11.14
CA ALA B 34 1.92 1.26 11.24
C ALA B 34 2.05 2.17 12.46
N GLY B 35 1.01 2.97 12.69
CA GLY B 35 1.01 4.00 13.71
C GLY B 35 0.70 5.35 13.09
N ASP B 36 0.56 6.37 13.95
CA ASP B 36 0.15 7.72 13.52
C ASP B 36 1.23 8.31 12.61
N ALA B 37 0.82 9.29 11.81
CA ALA B 37 1.79 10.05 11.05
C ALA B 37 2.84 10.66 11.99
N ALA B 38 4.09 10.70 11.53
CA ALA B 38 5.16 11.41 12.23
C ALA B 38 5.74 10.67 13.43
N VAL B 39 5.36 9.40 13.62
CA VAL B 39 5.90 8.56 14.73
C VAL B 39 7.29 8.04 14.38
N GLY B 40 7.59 8.01 13.06
CA GLY B 40 8.85 7.58 12.54
C GLY B 40 8.90 6.27 11.82
N LYS B 41 7.79 5.86 11.19
CA LYS B 41 7.77 4.63 10.37
C LYS B 41 8.83 4.59 9.25
N SER B 42 8.86 5.63 8.41
CA SER B 42 9.91 5.74 7.34
C SER B 42 11.32 5.72 7.90
N SER B 43 11.54 6.51 8.93
CA SER B 43 12.84 6.63 9.52
C SER B 43 13.25 5.31 10.10
N PHE B 44 12.28 4.56 10.67
CA PHE B 44 12.55 3.21 11.23
C PHE B 44 13.03 2.31 10.11
N LEU B 45 12.29 2.29 8.99
CA LEU B 45 12.61 1.41 7.85
C LEU B 45 13.96 1.77 7.19
N MET B 46 14.26 3.06 7.05
CA MET B 46 15.51 3.55 6.46
C MET B 46 16.71 3.20 7.34
N ARG B 47 16.55 3.32 8.66
CA ARG B 47 17.59 2.92 9.60
C ARG B 47 17.84 1.41 9.52
N LEU B 48 16.76 0.63 9.54
CA LEU B 48 16.86 -0.83 9.50
C LEU B 48 17.49 -1.36 8.22
N CYS B 49 17.06 -0.80 7.08
CA CYS B 49 17.39 -1.40 5.80
C CYS B 49 18.63 -0.80 5.20
N LYS B 50 18.87 0.47 5.45
CA LYS B 50 19.99 1.19 4.86
C LYS B 50 20.99 1.74 5.89
N ASN B 51 20.72 1.52 7.19
CA ASN B 51 21.53 2.08 8.27
C ASN B 51 21.81 3.57 8.11
N GLU B 52 20.77 4.32 7.73
CA GLU B 52 20.88 5.75 7.63
C GLU B 52 19.70 6.42 8.31
N PHE B 53 19.93 7.68 8.70
CA PHE B 53 18.90 8.60 9.16
C PHE B 53 19.22 10.02 8.61
N ARG B 54 18.25 10.70 8.00
CA ARG B 54 18.48 12.08 7.55
C ARG B 54 17.37 13.04 7.98
N GLY B 62 6.89 6.80 -3.87
CA GLY B 62 5.82 5.84 -3.67
C GLY B 62 5.80 5.26 -2.27
N VAL B 63 5.35 3.99 -2.15
CA VAL B 63 5.29 3.30 -0.84
C VAL B 63 6.73 2.86 -0.43
N ASP B 64 7.08 3.11 0.84
CA ASP B 64 8.34 2.59 1.40
C ASP B 64 8.21 1.10 1.38
N PHE B 65 9.14 0.43 0.71
CA PHE B 65 9.05 -1.01 0.43
C PHE B 65 10.48 -1.55 0.37
N GLN B 66 10.81 -2.49 1.27
CA GLN B 66 12.18 -3.01 1.36
C GLN B 66 12.22 -4.51 1.65
N MET B 67 13.23 -5.17 1.10
CA MET B 67 13.51 -6.55 1.43
C MET B 67 14.67 -6.51 2.40
N LYS B 68 14.63 -7.39 3.40
CA LYS B 68 15.65 -7.41 4.43
C LYS B 68 15.86 -8.86 4.87
N THR B 69 17.11 -9.30 4.79
CA THR B 69 17.53 -10.57 5.34
C THR B 69 18.07 -10.42 6.77
N LEU B 70 17.49 -11.22 7.67
CA LEU B 70 17.89 -11.29 9.05
C LEU B 70 18.42 -12.70 9.34
N ILE B 71 19.31 -12.79 10.32
CA ILE B 71 19.72 -14.08 10.86
C ILE B 71 18.94 -14.27 12.15
N VAL B 72 18.00 -15.22 12.14
CA VAL B 72 17.15 -15.51 13.28
C VAL B 72 17.50 -16.90 13.75
N ASP B 73 17.94 -17.01 15.00
CA ASP B 73 18.62 -18.20 15.49
C ASP B 73 19.68 -18.60 14.45
N GLY B 74 19.81 -19.87 14.08
CA GLY B 74 20.80 -20.22 13.05
C GLY B 74 20.61 -19.56 11.66
N GLU B 75 19.35 -19.31 11.28
CA GLU B 75 18.93 -19.29 9.87
C GLU B 75 18.65 -17.91 9.24
N ARG B 76 18.96 -17.83 7.95
CA ARG B 76 18.60 -16.71 7.10
C ARG B 76 17.05 -16.61 7.02
N THR B 77 16.53 -15.39 7.22
CA THR B 77 15.08 -15.14 7.23
C THR B 77 14.82 -13.84 6.47
N VAL B 78 14.01 -13.93 5.41
CA VAL B 78 13.78 -12.79 4.54
C VAL B 78 12.49 -12.09 4.98
N LEU B 79 12.57 -10.76 5.10
CA LEU B 79 11.41 -9.92 5.42
C LEU B 79 11.03 -9.06 4.23
N GLN B 80 9.74 -9.01 3.95
CA GLN B 80 9.18 -8.03 3.07
C GLN B 80 8.48 -6.94 3.92
N LEU B 81 9.06 -5.76 3.90
CA LEU B 81 8.67 -4.68 4.78
C LEU B 81 8.09 -3.52 4.00
N TRP B 82 6.97 -3.03 4.49
CA TRP B 82 6.41 -1.80 4.02
C TRP B 82 5.74 -1.06 5.18
N ASP B 83 5.23 0.14 4.90
CA ASP B 83 4.60 0.97 5.93
C ASP B 83 3.39 1.70 5.39
N THR B 84 2.65 2.32 6.29
CA THR B 84 1.45 3.09 5.98
C THR B 84 1.73 4.60 5.93
N ALA B 85 3.00 5.03 5.83
CA ALA B 85 3.31 6.47 5.68
C ALA B 85 2.62 7.02 4.41
N GLY B 86 1.88 8.10 4.60
CA GLY B 86 1.08 8.73 3.54
C GLY B 86 -0.31 8.15 3.35
N GLN B 87 -0.63 7.08 4.09
CA GLN B 87 -1.88 6.35 3.96
C GLN B 87 -2.53 6.10 5.29
N GLU B 88 -2.14 6.85 6.32
CA GLU B 88 -2.60 6.55 7.67
C GLU B 88 -4.10 6.78 7.80
N ARG B 89 -4.63 7.76 7.06
CA ARG B 89 -6.05 8.10 7.14
C ARG B 89 -6.97 7.17 6.35
N PHE B 90 -6.40 6.19 5.64
CA PHE B 90 -7.18 5.25 4.82
C PHE B 90 -7.39 3.91 5.52
N ARG B 91 -8.49 3.83 6.25
CA ARG B 91 -8.78 2.74 7.15
C ARG B 91 -8.97 1.42 6.43
N SER B 92 -9.56 1.44 5.24
CA SER B 92 -9.76 0.20 4.47
C SER B 92 -8.42 -0.40 3.95
N ILE B 93 -7.51 0.48 3.55
CA ILE B 93 -6.15 0.10 3.17
C ILE B 93 -5.38 -0.45 4.38
N ALA B 94 -5.42 0.26 5.50
CA ALA B 94 -4.77 -0.22 6.72
C ALA B 94 -5.19 -1.64 7.01
N LYS B 95 -6.49 -1.88 6.99
CA LYS B 95 -7.04 -3.20 7.32
C LYS B 95 -6.59 -4.27 6.33
N SER B 96 -6.68 -3.93 5.05
CA SER B 96 -6.14 -4.79 3.98
C SER B 96 -4.67 -5.13 4.24
N TYR B 97 -3.86 -4.13 4.58
CA TYR B 97 -2.47 -4.36 4.96
C TYR B 97 -2.35 -5.27 6.18
N PHE B 98 -3.16 -5.05 7.21
CA PHE B 98 -3.05 -5.89 8.41
C PHE B 98 -3.46 -7.35 8.16
N ARG B 99 -4.45 -7.56 7.28
CA ARG B 99 -4.83 -8.93 6.86
C ARG B 99 -3.72 -9.66 6.10
N LYS B 100 -2.89 -8.91 5.36
CA LYS B 100 -1.83 -9.44 4.51
C LYS B 100 -0.51 -9.67 5.28
N ALA B 101 -0.32 -8.89 6.34
CA ALA B 101 0.87 -8.98 7.19
C ALA B 101 0.97 -10.31 7.94
N ASP B 102 2.20 -10.82 8.05
CA ASP B 102 2.54 -11.89 9.01
C ASP B 102 2.85 -11.32 10.43
N GLY B 103 3.22 -10.05 10.48
CA GLY B 103 3.35 -9.36 11.75
C GLY B 103 3.32 -7.86 11.54
N VAL B 104 3.08 -7.14 12.63
CA VAL B 104 3.07 -5.67 12.63
C VAL B 104 4.08 -5.09 13.65
N LEU B 105 4.88 -4.13 13.19
CA LEU B 105 5.57 -3.18 14.03
C LEU B 105 4.70 -1.95 14.18
N LEU B 106 4.15 -1.73 15.37
CA LEU B 106 3.24 -0.64 15.59
C LEU B 106 3.96 0.43 16.44
N LEU B 107 4.17 1.60 15.85
CA LEU B 107 4.93 2.68 16.47
C LEU B 107 4.06 3.75 17.06
N TYR B 108 4.52 4.26 18.19
CA TYR B 108 4.16 5.57 18.66
C TYR B 108 5.48 6.33 18.90
N ASP B 109 5.34 7.60 19.19
CA ASP B 109 6.45 8.50 19.46
C ASP B 109 6.41 8.73 20.95
N VAL B 110 7.45 8.32 21.69
CA VAL B 110 7.45 8.43 23.17
C VAL B 110 7.25 9.88 23.65
N THR B 111 7.59 10.87 22.81
CA THR B 111 7.42 12.31 23.14
C THR B 111 6.08 12.86 22.73
N CYS B 112 5.20 12.02 22.18
CA CYS B 112 3.86 12.46 21.75
C CYS B 112 2.77 11.53 22.29
N GLU B 113 2.15 11.96 23.39
CA GLU B 113 1.11 11.20 24.10
C GLU B 113 -0.04 10.78 23.23
N LYS B 114 -0.48 11.65 22.33
CA LYS B 114 -1.63 11.38 21.48
C LYS B 114 -1.37 10.16 20.60
N SER B 115 -0.16 10.07 20.07
CA SER B 115 0.27 8.93 19.25
C SER B 115 0.22 7.62 20.03
N PHE B 116 0.47 7.69 21.35
CA PHE B 116 0.39 6.55 22.23
C PHE B 116 -1.09 6.15 22.52
N LEU B 117 -1.94 7.14 22.77
CA LEU B 117 -3.34 6.87 23.04
C LEU B 117 -3.97 6.20 21.84
N ASN B 118 -3.55 6.63 20.65
CA ASN B 118 -4.09 6.12 19.39
C ASN B 118 -3.65 4.74 19.06
N ILE B 119 -2.61 4.25 19.72
CA ILE B 119 -2.25 2.83 19.67
C ILE B 119 -3.49 1.91 19.83
N ARG B 120 -4.42 2.31 20.71
CA ARG B 120 -5.65 1.53 20.98
C ARG B 120 -6.58 1.43 19.76
N GLU B 121 -6.64 2.51 18.99
CA GLU B 121 -7.36 2.52 17.70
C GLU B 121 -6.69 1.59 16.67
N TRP B 122 -5.36 1.67 16.55
CA TRP B 122 -4.58 0.80 15.63
C TRP B 122 -4.70 -0.70 15.96
N VAL B 123 -4.54 -1.03 17.24
CA VAL B 123 -4.71 -2.42 17.70
C VAL B 123 -6.09 -2.98 17.42
N ASP B 124 -7.12 -2.16 17.61
CA ASP B 124 -8.49 -2.57 17.23
C ASP B 124 -8.63 -2.96 15.75
N MET B 125 -8.04 -2.16 14.87
CA MET B 125 -7.98 -2.42 13.45
C MET B 125 -7.21 -3.69 13.13
N ILE B 126 -6.06 -3.88 13.78
CA ILE B 126 -5.21 -5.08 13.55
C ILE B 126 -5.93 -6.34 14.02
N GLU B 127 -6.52 -6.29 15.21
CA GLU B 127 -7.29 -7.44 15.73
C GLU B 127 -8.60 -7.69 14.93
N ASP B 128 -9.25 -6.63 14.47
CA ASP B 128 -10.42 -6.72 13.58
C ASP B 128 -10.03 -7.35 12.23
N ALA B 129 -8.96 -6.85 11.61
CA ALA B 129 -8.46 -7.40 10.33
C ALA B 129 -8.07 -8.89 10.40
N ALA B 130 -7.17 -9.22 11.31
CA ALA B 130 -6.65 -10.58 11.46
C ALA B 130 -7.09 -11.25 12.78
N VAL B 134 -2.47 -11.93 14.46
CA VAL B 134 -1.09 -11.66 13.91
C VAL B 134 -0.17 -11.07 15.05
N PRO B 135 1.07 -11.55 15.19
CA PRO B 135 1.99 -10.91 16.14
C PRO B 135 2.13 -9.38 15.98
N ILE B 136 2.03 -8.66 17.11
CA ILE B 136 2.30 -7.20 17.16
C ILE B 136 3.50 -6.95 18.08
N MET B 137 4.41 -6.10 17.60
CA MET B 137 5.48 -5.50 18.39
C MET B 137 5.17 -4.01 18.51
N LEU B 138 4.80 -3.58 19.73
CA LEU B 138 4.65 -2.17 20.05
C LEU B 138 6.00 -1.49 20.26
N VAL B 139 6.23 -0.42 19.51
CA VAL B 139 7.54 0.27 19.50
C VAL B 139 7.33 1.69 19.96
N GLY B 140 7.97 2.05 21.07
CA GLY B 140 8.00 3.44 21.51
C GLY B 140 9.21 4.05 20.86
N ASN B 141 8.98 4.77 19.76
CA ASN B 141 10.06 5.36 18.97
C ASN B 141 10.46 6.77 19.44
N LYS B 142 11.67 7.18 19.00
CA LYS B 142 12.30 8.45 19.32
C LYS B 142 12.73 8.51 20.80
N ALA B 143 13.19 7.38 21.34
CA ALA B 143 13.59 7.32 22.75
C ALA B 143 14.77 8.30 23.01
N ASP B 144 15.57 8.57 21.98
CA ASP B 144 16.68 9.54 22.09
C ASP B 144 16.25 10.98 22.45
N ILE B 145 14.96 11.31 22.31
CA ILE B 145 14.44 12.67 22.61
C ILE B 145 13.82 12.77 23.97
N ARG B 146 13.72 11.67 24.69
CA ARG B 146 13.07 11.73 25.97
C ARG B 146 13.79 12.78 26.87
N ASP B 147 15.13 12.75 26.92
CA ASP B 147 15.88 13.73 27.72
C ASP B 147 15.63 15.19 27.34
N THR B 148 15.55 15.46 26.03
CA THR B 148 15.28 16.81 25.48
C THR B 148 13.89 17.29 25.86
N ALA B 149 12.88 16.44 25.64
CA ALA B 149 11.50 16.65 26.12
C ALA B 149 11.41 16.94 27.61
N ALA B 150 11.98 16.06 28.43
CA ALA B 150 11.93 16.22 29.90
C ALA B 150 12.67 17.48 30.39
N THR B 151 13.82 17.78 29.77
CA THR B 151 14.56 19.05 30.02
C THR B 151 13.70 20.29 29.73
N GLU B 152 12.99 20.27 28.60
CA GLU B 152 12.14 21.39 28.14
C GLU B 152 10.72 21.39 28.77
N GLY B 153 10.48 20.56 29.79
CA GLY B 153 9.16 20.46 30.44
C GLY B 153 8.05 19.74 29.66
N GLN B 154 8.35 19.12 28.52
CA GLN B 154 7.36 18.39 27.70
C GLN B 154 7.10 16.98 28.23
N LYS B 155 5.84 16.54 28.15
CA LYS B 155 5.43 15.23 28.65
C LYS B 155 5.90 14.11 27.72
N CYS B 156 6.42 13.05 28.32
CA CYS B 156 6.79 11.82 27.60
C CYS B 156 6.06 10.60 28.20
N VAL B 157 5.92 9.55 27.40
CA VAL B 157 5.33 8.32 27.86
C VAL B 157 6.46 7.46 28.41
N PRO B 158 6.43 7.13 29.72
CA PRO B 158 7.44 6.21 30.23
C PRO B 158 7.30 4.79 29.69
N GLY B 159 8.42 4.11 29.52
CA GLY B 159 8.44 2.76 29.01
C GLY B 159 7.54 1.81 29.77
N HIS B 160 7.41 2.02 31.08
CA HIS B 160 6.53 1.20 31.94
C HIS B 160 5.08 1.18 31.40
N PHE B 161 4.61 2.34 30.93
CA PHE B 161 3.25 2.50 30.38
C PHE B 161 3.13 1.82 29.03
N GLY B 162 4.21 1.90 28.25
CA GLY B 162 4.30 1.19 26.99
C GLY B 162 4.25 -0.31 27.20
N GLU B 163 5.04 -0.82 28.15
CA GLU B 163 5.08 -2.25 28.43
C GLU B 163 3.72 -2.75 28.92
N LYS B 164 3.06 -1.96 29.77
CA LYS B 164 1.75 -2.27 30.30
C LYS B 164 0.70 -2.38 29.20
N LEU B 165 0.65 -1.42 28.28
CA LEU B 165 -0.28 -1.53 27.14
C LEU B 165 0.02 -2.79 26.26
N ALA B 166 1.31 -3.06 26.01
CA ALA B 166 1.65 -4.24 25.25
C ALA B 166 1.14 -5.54 25.96
N MET B 167 1.28 -5.59 27.28
CA MET B 167 0.84 -6.77 28.04
C MET B 167 -0.69 -6.96 28.01
N THR B 168 -1.45 -5.86 28.09
CA THR B 168 -2.91 -5.85 27.86
C THR B 168 -3.29 -6.62 26.57
N TYR B 169 -2.55 -6.36 25.50
CA TYR B 169 -2.84 -6.95 24.23
C TYR B 169 -2.05 -8.21 23.94
N GLY B 170 -1.15 -8.64 24.83
CA GLY B 170 -0.24 -9.76 24.50
C GLY B 170 0.72 -9.44 23.35
N ALA B 171 1.08 -8.17 23.20
CA ALA B 171 2.02 -7.72 22.17
C ALA B 171 3.42 -7.75 22.79
N LEU B 172 4.43 -7.85 21.94
CA LEU B 172 5.79 -7.51 22.36
C LEU B 172 5.95 -6.00 22.48
N PHE B 173 6.93 -5.57 23.28
CA PHE B 173 7.22 -4.17 23.49
C PHE B 173 8.74 -3.87 23.42
N CYS B 174 9.05 -2.70 22.88
CA CYS B 174 10.42 -2.24 22.71
C CYS B 174 10.44 -0.74 22.56
N GLU B 175 11.43 -0.08 23.15
CA GLU B 175 11.73 1.31 22.82
C GLU B 175 12.90 1.38 21.87
N THR B 176 12.80 2.28 20.91
CA THR B 176 13.77 2.38 19.85
C THR B 176 14.11 3.87 19.56
N SER B 177 15.18 4.03 18.79
CA SER B 177 15.53 5.31 18.18
C SER B 177 16.00 5.06 16.73
N ALA B 178 15.20 5.50 15.77
CA ALA B 178 15.59 5.46 14.36
C ALA B 178 16.80 6.37 14.15
N LYS B 179 16.83 7.48 14.88
CA LYS B 179 17.89 8.48 14.73
C LYS B 179 19.26 7.94 15.10
N ASP B 180 19.41 7.28 16.25
CA ASP B 180 20.72 6.74 16.66
C ASP B 180 20.88 5.22 16.48
N GLY B 181 19.83 4.54 16.03
CA GLY B 181 19.88 3.11 15.78
C GLY B 181 19.52 2.20 16.94
N SER B 182 19.30 2.76 18.14
CA SER B 182 18.99 1.94 19.35
C SER B 182 17.80 0.99 19.16
N ASN B 183 18.07 -0.30 19.33
CA ASN B 183 17.05 -1.34 19.40
C ASN B 183 16.28 -1.60 18.10
N ILE B 184 16.70 -0.98 16.99
CA ILE B 184 15.94 -1.08 15.76
C ILE B 184 15.97 -2.52 15.24
N VAL B 185 17.16 -3.08 15.09
CA VAL B 185 17.32 -4.47 14.59
C VAL B 185 16.78 -5.52 15.58
N GLU B 186 17.10 -5.34 16.85
CA GLU B 186 16.57 -6.11 17.97
C GLU B 186 15.04 -6.20 18.02
N ALA B 187 14.35 -5.07 17.87
CA ALA B 187 12.87 -5.07 17.79
C ALA B 187 12.36 -5.98 16.68
N VAL B 188 12.94 -5.85 15.50
CA VAL B 188 12.56 -6.60 14.35
C VAL B 188 12.78 -8.10 14.52
N LEU B 189 13.97 -8.45 14.99
CA LEU B 189 14.28 -9.83 15.35
C LEU B 189 13.32 -10.45 16.36
N HIS B 190 12.97 -9.74 17.43
CA HIS B 190 11.97 -10.22 18.43
C HIS B 190 10.65 -10.53 17.77
N LEU B 191 10.20 -9.63 16.88
CA LEU B 191 8.97 -9.86 16.14
C LEU B 191 9.14 -11.04 15.22
N ALA B 192 10.25 -11.10 14.48
CA ALA B 192 10.48 -12.19 13.51
C ALA B 192 10.45 -13.57 14.16
N ARG B 193 10.96 -13.64 15.40
CA ARG B 193 10.95 -14.89 16.17
C ARG B 193 9.53 -15.33 16.49
N GLU B 194 8.72 -14.38 16.92
CA GLU B 194 7.32 -14.63 17.20
C GLU B 194 6.50 -14.99 15.91
N VAL B 195 6.84 -14.35 14.80
CA VAL B 195 6.23 -14.65 13.50
C VAL B 195 6.61 -16.09 13.04
N LYS B 196 7.90 -16.43 13.11
CA LYS B 196 8.35 -17.79 12.76
C LYS B 196 7.68 -18.86 13.65
N LYS B 197 7.33 -18.50 14.88
CA LYS B 197 6.71 -19.42 15.82
C LYS B 197 5.19 -19.70 15.53
N ARG B 198 4.72 -19.33 14.33
CA ARG B 198 3.28 -19.44 13.96
C ARG B 198 3.06 -19.88 12.51
#